data_5W89
#
_entry.id   5W89
#
_cell.length_a   43.390
_cell.length_b   43.390
_cell.length_c   163.430
_cell.angle_alpha   90.000
_cell.angle_beta   90.000
_cell.angle_gamma   90.000
#
_symmetry.space_group_name_H-M   'P 41 21 2'
#
loop_
_entity.id
_entity.type
_entity.pdbx_description
1 polymer 'Induced myeloid leukemia cell differentiation protein Mcl-1'
2 polymer 'modified Bim BH3 peptide SAH-MS1-18'
3 non-polymer 'ZINC ION'
4 water water
#
loop_
_entity_poly.entity_id
_entity_poly.type
_entity_poly.pdbx_seq_one_letter_code
_entity_poly.pdbx_strand_id
1 'polypeptide(L)'
;GDELYRQSLEIISRYLREQATGAKDTKPMGRSGATSRKALETLRRVGDGVQRNHETAFQGMLRKLDIKNEDDVKSLSRVM
IHVFSDGVTNWGRIVTLISFGAFVAKHLKTINQESCIEPLAESITDVLVRTKRDWLVKQRGWDGFVEFFHV
;
A
2 'polypeptide(L)' (ACE)IW(NLE)(MK8)QEL(MK8)RLGDEINARYAR(NH2) B
#
loop_
_chem_comp.id
_chem_comp.type
_chem_comp.name
_chem_comp.formula
ACE non-polymer 'ACETYL GROUP' 'C2 H4 O'
NH2 non-polymer 'AMINO GROUP' 'H2 N'
ZN non-polymer 'ZINC ION' 'Zn 2'
#
# COMPACT_ATOMS: atom_id res chain seq x y z
N GLY A 1 -15.46 -6.94 -15.86
CA GLY A 1 -14.82 -5.69 -16.22
C GLY A 1 -13.56 -5.44 -15.39
N ASP A 2 -12.63 -6.39 -15.47
CA ASP A 2 -11.38 -6.36 -14.71
C ASP A 2 -11.59 -6.79 -13.27
N GLU A 3 -11.67 -8.09 -13.05
CA GLU A 3 -11.89 -8.64 -11.72
CA GLU A 3 -11.90 -8.60 -11.71
C GLU A 3 -10.68 -8.38 -10.82
N LEU A 4 -9.47 -8.45 -11.37
CA LEU A 4 -8.30 -8.19 -10.53
C LEU A 4 -8.32 -6.78 -9.99
N TYR A 5 -8.64 -5.80 -10.84
CA TYR A 5 -8.77 -4.43 -10.35
C TYR A 5 -9.83 -4.33 -9.28
N ARG A 6 -11.02 -4.88 -9.55
CA ARG A 6 -12.10 -4.80 -8.58
C ARG A 6 -11.70 -5.40 -7.23
N GLN A 7 -11.07 -6.57 -7.26
CA GLN A 7 -10.66 -7.23 -6.03
C GLN A 7 -9.60 -6.42 -5.30
N SER A 8 -8.59 -5.94 -6.04
CA SER A 8 -7.53 -5.13 -5.46
C SER A 8 -8.10 -3.88 -4.82
N LEU A 9 -9.03 -3.21 -5.50
CA LEU A 9 -9.62 -2.01 -4.96
C LEU A 9 -10.38 -2.30 -3.67
N GLU A 10 -11.12 -3.41 -3.64
CA GLU A 10 -11.87 -3.73 -2.43
C GLU A 10 -10.94 -3.92 -1.25
N ILE A 11 -9.89 -4.70 -1.44
CA ILE A 11 -8.94 -4.98 -0.35
C ILE A 11 -8.26 -3.68 0.10
N ILE A 12 -7.68 -2.94 -0.84
CA ILE A 12 -6.87 -1.78 -0.48
C ILE A 12 -7.75 -0.67 0.08
N SER A 13 -8.92 -0.45 -0.53
CA SER A 13 -9.85 0.57 -0.03
C SER A 13 -10.33 0.26 1.37
N ARG A 14 -10.66 -1.00 1.65
CA ARG A 14 -11.17 -1.31 2.98
C ARG A 14 -10.11 -1.03 4.03
N TYR A 15 -8.86 -1.39 3.74
CA TYR A 15 -7.79 -1.16 4.69
C TYR A 15 -7.57 0.33 4.94
N LEU A 16 -7.48 1.11 3.88
CA LEU A 16 -7.24 2.54 4.07
C LEU A 16 -8.45 3.23 4.70
N ARG A 17 -9.66 2.91 4.26
CA ARG A 17 -10.84 3.55 4.83
C ARG A 17 -11.05 3.18 6.30
N GLU A 18 -10.49 2.05 6.74
CA GLU A 18 -10.52 1.66 8.14
C GLU A 18 -9.80 2.65 9.03
N GLN A 19 -8.94 3.49 8.48
CA GLN A 19 -8.22 4.48 9.26
C GLN A 19 -9.07 5.73 9.51
N ALA A 20 -10.18 5.88 8.81
CA ALA A 20 -11.08 7.01 8.97
C ALA A 20 -12.29 6.59 9.79
N THR A 21 -13.18 7.53 10.09
CA THR A 21 -14.34 7.22 10.92
C THR A 21 -15.66 7.25 10.15
N SER A 32 -17.52 -9.32 -2.84
CA SER A 32 -17.07 -10.02 -1.64
C SER A 32 -16.78 -11.49 -1.93
N GLY A 33 -15.55 -11.92 -1.65
CA GLY A 33 -15.16 -13.31 -1.81
C GLY A 33 -14.20 -13.73 -0.72
N ALA A 34 -13.99 -15.04 -0.64
CA ALA A 34 -13.09 -15.59 0.39
C ALA A 34 -11.69 -15.04 0.25
N THR A 35 -11.17 -14.95 -0.97
CA THR A 35 -9.82 -14.45 -1.16
C THR A 35 -9.71 -13.02 -0.65
N SER A 36 -10.70 -12.19 -0.96
CA SER A 36 -10.63 -10.78 -0.57
C SER A 36 -10.62 -10.64 0.94
N ARG A 37 -11.45 -11.41 1.64
CA ARG A 37 -11.50 -11.34 3.10
C ARG A 37 -10.17 -11.76 3.71
N LYS A 38 -9.61 -12.88 3.25
CA LYS A 38 -8.34 -13.32 3.79
C LYS A 38 -7.22 -12.34 3.45
N ALA A 39 -7.24 -11.78 2.25
CA ALA A 39 -6.20 -10.85 1.85
C ALA A 39 -6.27 -9.58 2.70
N LEU A 40 -7.49 -9.10 2.98
CA LEU A 40 -7.62 -7.93 3.86
C LEU A 40 -7.06 -8.23 5.25
N GLU A 41 -7.38 -9.38 5.81
CA GLU A 41 -6.84 -9.74 7.12
C GLU A 41 -5.31 -9.83 7.08
N THR A 42 -4.75 -10.42 6.02
CA THR A 42 -3.29 -10.48 5.90
C THR A 42 -2.69 -9.08 5.76
N LEU A 43 -3.30 -8.26 4.90
CA LEU A 43 -2.79 -6.92 4.67
C LEU A 43 -2.79 -6.11 5.96
N ARG A 44 -3.90 -6.14 6.70
CA ARG A 44 -3.96 -5.41 7.95
C ARG A 44 -2.93 -5.94 8.95
N ARG A 45 -2.80 -7.27 9.05
CA ARG A 45 -1.88 -7.85 10.04
C ARG A 45 -0.44 -7.44 9.74
N VAL A 46 0.00 -7.62 8.50
CA VAL A 46 1.38 -7.26 8.13
C VAL A 46 1.53 -5.74 8.11
N GLY A 47 0.58 -5.04 7.50
CA GLY A 47 0.72 -3.61 7.33
C GLY A 47 0.70 -2.85 8.65
N ASP A 48 -0.16 -3.27 9.58
CA ASP A 48 -0.15 -2.61 10.88
C ASP A 48 1.16 -2.88 11.63
N GLY A 49 1.70 -4.10 11.48
CA GLY A 49 3.02 -4.38 12.02
C GLY A 49 4.10 -3.50 11.43
N VAL A 50 4.09 -3.31 10.10
CA VAL A 50 5.09 -2.45 9.48
C VAL A 50 5.00 -1.04 10.05
N GLN A 51 3.78 -0.50 10.16
CA GLN A 51 3.60 0.83 10.74
C GLN A 51 4.13 0.91 12.16
N ARG A 52 3.83 -0.10 12.98
CA ARG A 52 4.27 -0.08 14.37
C ARG A 52 5.79 -0.09 14.47
N ASN A 53 6.44 -0.94 13.66
CA ASN A 53 7.88 -1.12 13.76
C ASN A 53 8.65 -0.03 13.05
N HIS A 54 8.01 0.68 12.14
CA HIS A 54 8.68 1.67 11.31
C HIS A 54 8.07 3.06 11.48
N GLU A 55 7.56 3.33 12.67
CA GLU A 55 6.86 4.59 12.89
C GLU A 55 7.79 5.79 12.66
N THR A 56 9.01 5.77 13.22
CA THR A 56 9.90 6.92 13.05
C THR A 56 10.22 7.14 11.58
N ALA A 57 10.51 6.08 10.84
CA ALA A 57 10.81 6.21 9.43
C ALA A 57 9.60 6.77 8.68
N PHE A 58 8.42 6.21 8.96
CA PHE A 58 7.21 6.64 8.28
C PHE A 58 6.88 8.08 8.64
N GLN A 59 7.09 8.46 9.92
CA GLN A 59 6.87 9.84 10.31
C GLN A 59 7.80 10.78 9.54
N GLY A 60 9.05 10.38 9.35
CA GLY A 60 9.98 11.25 8.63
C GLY A 60 9.60 11.37 7.17
N MET A 61 9.11 10.29 6.58
CA MET A 61 8.65 10.37 5.20
C MET A 61 7.42 11.25 5.09
N LEU A 62 6.49 11.11 6.04
CA LEU A 62 5.29 11.94 6.04
C LEU A 62 5.66 13.40 6.23
N ARG A 63 6.63 13.68 7.10
CA ARG A 63 7.07 15.04 7.31
C ARG A 63 7.61 15.64 6.02
N LYS A 64 8.37 14.86 5.26
CA LYS A 64 8.88 15.33 4.00
C LYS A 64 7.76 15.66 3.03
N LEU A 65 6.69 14.86 3.03
CA LEU A 65 5.52 15.15 2.19
C LEU A 65 4.79 16.40 2.64
N ASP A 66 4.84 16.71 3.94
CA ASP A 66 4.31 17.95 4.49
C ASP A 66 2.88 18.20 4.00
N ILE A 67 2.00 17.27 4.33
CA ILE A 67 0.64 17.29 3.82
C ILE A 67 -0.21 18.17 4.72
N LYS A 68 -0.59 19.35 4.21
CA LYS A 68 -1.44 20.28 4.94
C LYS A 68 -2.65 20.74 4.13
N ASN A 69 -2.78 20.32 2.88
CA ASN A 69 -3.85 20.84 2.02
C ASN A 69 -4.03 19.86 0.86
N GLU A 70 -4.96 20.19 -0.03
CA GLU A 70 -5.28 19.28 -1.13
C GLU A 70 -4.14 19.19 -2.14
N ASP A 71 -3.46 20.30 -2.39
CA ASP A 71 -2.35 20.29 -3.33
C ASP A 71 -1.30 19.29 -2.91
N ASP A 72 -1.06 19.18 -1.60
CA ASP A 72 -0.01 18.29 -1.11
C ASP A 72 -0.35 16.82 -1.34
N VAL A 73 -1.63 16.47 -1.40
CA VAL A 73 -2.02 15.09 -1.64
C VAL A 73 -1.63 14.65 -3.06
N LYS A 74 -1.50 15.58 -4.00
CA LYS A 74 -0.98 15.21 -5.32
C LYS A 74 0.38 14.55 -5.22
N SER A 75 1.28 15.10 -4.40
CA SER A 75 2.63 14.56 -4.29
C SER A 75 2.59 13.08 -3.95
N LEU A 76 1.67 12.69 -3.09
CA LEU A 76 1.59 11.30 -2.66
C LEU A 76 1.26 10.37 -3.83
N SER A 77 0.32 10.75 -4.69
CA SER A 77 0.05 9.92 -5.85
C SER A 77 1.29 9.82 -6.73
N ARG A 78 2.08 10.88 -6.78
CA ARG A 78 3.30 10.81 -7.57
C ARG A 78 4.33 9.83 -6.97
N VAL A 79 4.43 9.74 -5.64
CA VAL A 79 5.30 8.74 -5.00
C VAL A 79 4.87 7.32 -5.39
N MET A 80 3.57 7.04 -5.33
CA MET A 80 3.09 5.71 -5.68
C MET A 80 3.47 5.38 -7.11
N ILE A 81 3.21 6.31 -8.03
CA ILE A 81 3.57 6.06 -9.41
C ILE A 81 5.06 5.79 -9.51
N HIS A 82 5.85 6.60 -8.80
CA HIS A 82 7.30 6.47 -8.86
C HIS A 82 7.76 5.09 -8.41
N VAL A 83 7.27 4.58 -7.27
CA VAL A 83 7.69 3.25 -6.81
C VAL A 83 7.26 2.15 -7.78
N PHE A 84 5.97 2.11 -8.11
CA PHE A 84 5.46 1.00 -8.92
C PHE A 84 5.96 1.05 -10.36
N SER A 85 6.45 2.19 -10.82
CA SER A 85 7.06 2.24 -12.14
C SER A 85 8.39 1.50 -12.15
N ASP A 86 8.98 1.29 -10.97
CA ASP A 86 10.21 0.53 -10.87
C ASP A 86 9.93 -0.91 -11.30
N GLY A 87 10.74 -1.41 -12.21
CA GLY A 87 10.59 -2.77 -12.68
C GLY A 87 10.73 -3.80 -11.60
N VAL A 88 11.46 -3.47 -10.54
CA VAL A 88 11.59 -4.37 -9.39
C VAL A 88 10.24 -4.50 -8.70
N THR A 89 9.77 -5.73 -8.53
CA THR A 89 8.48 -6.02 -7.91
C THR A 89 8.64 -7.16 -6.93
N ASN A 90 8.02 -7.01 -5.76
CA ASN A 90 7.88 -8.13 -4.84
C ASN A 90 6.77 -7.80 -3.85
N TRP A 91 6.32 -8.83 -3.13
CA TRP A 91 5.20 -8.62 -2.20
C TRP A 91 5.59 -7.72 -1.05
N GLY A 92 6.85 -7.76 -0.61
CA GLY A 92 7.26 -6.85 0.45
C GLY A 92 7.09 -5.40 0.05
N ARG A 93 7.49 -5.05 -1.16
CA ARG A 93 7.27 -3.69 -1.65
C ARG A 93 5.80 -3.33 -1.68
N ILE A 94 4.97 -4.25 -2.20
CA ILE A 94 3.54 -4.00 -2.32
C ILE A 94 2.92 -3.75 -0.95
N VAL A 95 3.22 -4.63 0.01
CA VAL A 95 2.61 -4.47 1.33
C VAL A 95 3.12 -3.21 2.04
N THR A 96 4.39 -2.87 1.82
CA THR A 96 4.98 -1.71 2.48
C THR A 96 4.40 -0.41 1.95
N LEU A 97 4.21 -0.32 0.63
CA LEU A 97 3.61 0.87 0.05
C LEU A 97 2.17 1.04 0.50
N ILE A 98 1.41 -0.06 0.52
CA ILE A 98 0.04 0.03 1.01
C ILE A 98 0.01 0.42 2.48
N SER A 99 0.93 -0.15 3.26
CA SER A 99 1.04 0.18 4.69
C SER A 99 1.35 1.66 4.86
N PHE A 100 2.23 2.21 4.04
CA PHE A 100 2.49 3.65 4.12
C PHE A 100 1.25 4.45 3.72
N GLY A 101 0.53 3.96 2.72
CA GLY A 101 -0.75 4.56 2.37
C GLY A 101 -1.71 4.62 3.56
N ALA A 102 -1.80 3.55 4.34
CA ALA A 102 -2.66 3.54 5.52
C ALA A 102 -2.14 4.50 6.59
N PHE A 103 -0.81 4.61 6.72
CA PHE A 103 -0.22 5.55 7.66
C PHE A 103 -0.59 6.99 7.28
N VAL A 104 -0.51 7.30 5.99
CA VAL A 104 -0.93 8.61 5.52
C VAL A 104 -2.42 8.79 5.69
N ALA A 105 -3.21 7.73 5.48
CA ALA A 105 -4.64 7.82 5.70
C ALA A 105 -4.97 8.23 7.13
N LYS A 106 -4.27 7.69 8.12
CA LYS A 106 -4.43 8.14 9.49
C LYS A 106 -4.16 9.64 9.60
N HIS A 107 -3.07 10.10 8.98
CA HIS A 107 -2.76 11.52 8.99
C HIS A 107 -3.89 12.33 8.37
N LEU A 108 -4.40 11.88 7.23
CA LEU A 108 -5.48 12.59 6.55
C LEU A 108 -6.69 12.72 7.45
N LYS A 109 -7.02 11.66 8.19
CA LYS A 109 -8.10 11.75 9.17
C LYS A 109 -7.82 12.85 10.20
N THR A 110 -6.60 12.88 10.77
CA THR A 110 -6.33 13.84 11.83
C THR A 110 -6.36 15.28 11.35
N ILE A 111 -6.09 15.55 10.07
CA ILE A 111 -6.14 16.91 9.54
C ILE A 111 -7.49 17.24 8.90
N ASN A 112 -8.50 16.40 9.11
CA ASN A 112 -9.85 16.63 8.59
C ASN A 112 -9.86 16.61 7.06
N GLN A 113 -9.09 15.69 6.48
CA GLN A 113 -9.11 15.44 5.04
C GLN A 113 -9.49 13.98 4.78
N GLU A 114 -10.53 13.49 5.46
CA GLU A 114 -10.94 12.11 5.26
C GLU A 114 -11.35 11.85 3.82
N SER A 115 -11.85 12.86 3.11
CA SER A 115 -12.31 12.66 1.74
C SER A 115 -11.17 12.31 0.78
N CYS A 116 -9.93 12.49 1.18
CA CYS A 116 -8.81 12.12 0.34
C CYS A 116 -8.49 10.64 0.41
N ILE A 117 -9.02 9.91 1.40
CA ILE A 117 -8.56 8.56 1.68
C ILE A 117 -9.02 7.58 0.60
N GLU A 118 -10.31 7.58 0.28
CA GLU A 118 -10.79 6.70 -0.78
C GLU A 118 -10.10 6.99 -2.09
N PRO A 119 -9.94 8.26 -2.51
CA PRO A 119 -9.17 8.52 -3.73
C PRO A 119 -7.74 8.03 -3.64
N LEU A 120 -7.10 8.19 -2.49
CA LEU A 120 -5.75 7.64 -2.33
C LEU A 120 -5.75 6.13 -2.57
N ALA A 121 -6.71 5.41 -1.98
CA ALA A 121 -6.77 3.97 -2.22
C ALA A 121 -6.99 3.67 -3.69
N GLU A 122 -7.83 4.45 -4.36
CA GLU A 122 -8.06 4.24 -5.79
C GLU A 122 -6.78 4.47 -6.60
N SER A 123 -6.04 5.53 -6.26
CA SER A 123 -4.79 5.82 -6.96
C SER A 123 -3.78 4.70 -6.75
N ILE A 124 -3.65 4.22 -5.52
CA ILE A 124 -2.72 3.12 -5.26
C ILE A 124 -3.13 1.92 -6.09
N THR A 125 -4.42 1.58 -6.08
CA THR A 125 -4.89 0.42 -6.81
C THR A 125 -4.66 0.60 -8.30
N ASP A 126 -4.98 1.78 -8.83
CA ASP A 126 -4.83 2.04 -10.25
C ASP A 126 -3.40 1.77 -10.70
N VAL A 127 -2.45 2.35 -9.99
CA VAL A 127 -1.06 2.24 -10.39
C VAL A 127 -0.56 0.81 -10.20
N LEU A 128 -0.91 0.19 -9.07
CA LEU A 128 -0.48 -1.18 -8.82
C LEU A 128 -0.94 -2.11 -9.94
N VAL A 129 -2.22 -2.03 -10.31
CA VAL A 129 -2.72 -2.97 -11.29
C VAL A 129 -2.22 -2.63 -12.69
N ARG A 130 -2.15 -1.34 -13.02
CA ARG A 130 -1.69 -0.92 -14.34
C ARG A 130 -0.25 -1.33 -14.57
N THR A 131 0.60 -1.21 -13.55
CA THR A 131 2.02 -1.47 -13.73
C THR A 131 2.39 -2.92 -13.44
N LYS A 132 1.68 -3.61 -12.55
CA LYS A 132 2.12 -4.91 -12.07
C LYS A 132 1.15 -6.04 -12.39
N ARG A 133 0.14 -5.81 -13.24
CA ARG A 133 -0.85 -6.86 -13.50
C ARG A 133 -0.21 -8.20 -13.80
N ASP A 134 0.74 -8.22 -14.74
CA ASP A 134 1.29 -9.51 -15.14
C ASP A 134 2.02 -10.18 -13.98
N TRP A 135 2.81 -9.42 -13.23
CA TRP A 135 3.49 -9.97 -12.06
C TRP A 135 2.49 -10.50 -11.06
N LEU A 136 1.42 -9.74 -10.79
CA LEU A 136 0.44 -10.17 -9.81
C LEU A 136 -0.18 -11.49 -10.22
N VAL A 137 -0.56 -11.64 -11.49
CA VAL A 137 -1.21 -12.88 -11.90
C VAL A 137 -0.22 -14.03 -11.85
N LYS A 138 1.02 -13.78 -12.27
CA LYS A 138 2.05 -14.83 -12.20
C LYS A 138 2.26 -15.30 -10.78
N GLN A 139 2.06 -14.41 -9.81
CA GLN A 139 2.23 -14.73 -8.41
C GLN A 139 0.96 -15.23 -7.76
N ARG A 140 -0.06 -15.57 -8.55
CA ARG A 140 -1.33 -16.11 -8.09
C ARG A 140 -2.20 -15.05 -7.40
N GLY A 141 -1.99 -13.78 -7.74
CA GLY A 141 -2.86 -12.71 -7.29
C GLY A 141 -2.94 -12.65 -5.78
N TRP A 142 -4.11 -12.31 -5.29
CA TRP A 142 -4.25 -12.11 -3.87
C TRP A 142 -4.19 -13.41 -3.08
N ASP A 143 -4.50 -14.55 -3.70
CA ASP A 143 -4.21 -15.82 -3.05
C ASP A 143 -2.71 -15.97 -2.80
N GLY A 144 -1.90 -15.58 -3.77
CA GLY A 144 -0.46 -15.62 -3.59
C GLY A 144 0.01 -14.70 -2.50
N PHE A 145 -0.59 -13.52 -2.41
CA PHE A 145 -0.29 -12.59 -1.32
C PHE A 145 -0.55 -13.23 0.04
N VAL A 146 -1.73 -13.85 0.20
CA VAL A 146 -2.06 -14.51 1.45
C VAL A 146 -1.03 -15.61 1.75
N GLU A 147 -0.69 -16.41 0.75
CA GLU A 147 0.26 -17.49 0.99
C GLU A 147 1.63 -16.96 1.38
N PHE A 148 2.09 -15.89 0.73
CA PHE A 148 3.44 -15.40 0.97
C PHE A 148 3.61 -14.96 2.42
N PHE A 149 2.59 -14.30 2.97
CA PHE A 149 2.63 -13.77 4.32
C PHE A 149 2.01 -14.71 5.36
N HIS A 150 1.69 -15.94 4.97
CA HIS A 150 1.02 -16.87 5.88
C HIS A 150 1.90 -17.18 7.07
N VAL A 151 1.27 -17.20 8.25
CA VAL A 151 1.87 -17.69 9.49
C VAL A 151 3.36 -17.41 9.59
C ACE B 1 13.57 12.54 -3.07
O ACE B 1 12.79 11.65 -2.71
CH3 ACE B 1 13.32 13.99 -2.81
N ILE B 2 14.69 12.26 -3.74
CA ILE B 2 15.10 10.90 -4.08
C ILE B 2 15.11 10.01 -2.85
N TRP B 3 15.62 10.53 -1.76
CA TRP B 3 15.82 9.68 -0.57
C TRP B 3 14.54 9.04 -0.10
N NLE B 4 13.42 9.74 -0.24
CA NLE B 4 12.19 9.21 0.33
C NLE B 4 11.74 7.98 -0.44
O NLE B 4 11.50 6.93 0.14
CB NLE B 4 11.08 10.27 0.33
CG NLE B 4 9.84 9.87 1.09
CD NLE B 4 8.59 10.12 0.32
CE NLE B 4 7.37 9.48 0.99
HA NLE B 4 12.35 8.96 1.25
HB2 NLE B 4 10.82 10.46 -0.59
HB3 NLE B 4 11.43 11.09 0.73
HG2 NLE B 4 9.80 10.37 1.92
HG3 NLE B 4 9.90 8.91 1.29
HD2 NLE B 4 8.68 9.74 -0.57
HD3 NLE B 4 8.44 11.07 0.26
HE1 NLE B 4 6.58 9.66 0.46
HE2 NLE B 4 7.27 9.85 1.88
HE3 NLE B 4 7.50 8.52 1.04
C MK8 B 5 12.13 5.81 -2.32
N MK8 B 5 11.65 8.09 -1.76
O MK8 B 5 11.67 4.68 -2.12
CA MK8 B 5 11.20 6.98 -2.59
CB MK8 B 5 11.32 7.34 -4.07
CD MK8 B 5 12.24 5.48 -5.56
CE MK8 B 5 11.80 4.40 -6.55
CG MK8 B 5 11.00 6.18 -5.00
CB1 MK8 B 5 9.76 6.64 -2.22
H MK8 B 5 11.69 9.03 -2.15
HB MK8 B 5 12.34 7.70 -4.26
HBA MK8 B 5 10.64 8.17 -4.28
HD MK8 B 5 12.81 5.04 -4.75
HDA MK8 B 5 12.87 6.20 -6.08
HG MK8 B 5 10.39 5.45 -4.47
HGA MK8 B 5 10.40 6.56 -5.85
HB1 MK8 B 5 9.72 6.41 -1.18
HB1A MK8 B 5 9.43 5.82 -2.78
HB1B MK8 B 5 9.15 7.49 -2.41
N GLN B 6 13.43 6.05 -2.30
CA GLN B 6 14.43 5.01 -2.18
C GLN B 6 14.35 4.31 -0.82
N GLU B 7 14.10 5.08 0.24
CA GLU B 7 13.95 4.47 1.56
C GLU B 7 12.72 3.57 1.62
N LEU B 8 11.62 3.98 1.02
CA LEU B 8 10.44 3.11 1.01
C LEU B 8 10.70 1.83 0.25
C MK8 B 9 12.51 -0.17 -0.94
N MK8 B 9 11.29 1.92 -0.95
O MK8 B 9 12.28 -1.40 -0.91
CA MK8 B 9 11.62 0.76 -1.76
CB MK8 B 9 12.46 1.17 -2.98
CD MK8 B 9 12.67 2.41 -5.14
CE MK8 B 9 11.92 3.01 -6.31
CG MK8 B 9 11.71 1.97 -4.03
CB1 MK8 B 9 10.32 0.08 -2.19
H MK8 B 9 11.91 2.73 -0.94
HB MK8 B 9 13.31 1.76 -2.63
HBA MK8 B 9 12.87 0.28 -3.45
HD MK8 B 9 13.37 3.16 -4.73
HDA MK8 B 9 13.25 1.56 -5.48
HG MK8 B 9 10.91 1.37 -4.47
HGA MK8 B 9 11.26 2.86 -3.57
HB1 MK8 B 9 9.77 -0.21 -1.32
HB1A MK8 B 9 10.53 -0.78 -2.77
HB1B MK8 B 9 9.74 0.75 -2.76
N ARG B 10 13.50 0.38 -0.27
CA ARG B 10 14.44 -0.45 0.48
C ARG B 10 13.75 -1.18 1.62
N LEU B 11 12.90 -0.46 2.35
CA LEU B 11 12.14 -1.12 3.41
C LEU B 11 11.31 -2.26 2.85
N GLY B 12 10.63 -2.03 1.72
CA GLY B 12 9.83 -3.09 1.13
C GLY B 12 10.66 -4.31 0.78
N ASP B 13 11.87 -4.09 0.26
CA ASP B 13 12.77 -5.21 -0.05
C ASP B 13 13.21 -5.95 1.21
N GLU B 14 13.43 -5.20 2.31
N GLU B 14 13.44 -5.21 2.30
CA GLU B 14 13.82 -5.83 3.57
CA GLU B 14 13.82 -5.86 3.55
C GLU B 14 12.66 -6.66 4.13
C GLU B 14 12.65 -6.68 4.11
N ILE B 15 11.44 -6.14 4.03
CA ILE B 15 10.28 -6.91 4.46
C ILE B 15 10.08 -8.12 3.56
N ASN B 16 10.31 -7.97 2.27
CA ASN B 16 10.24 -9.12 1.38
C ASN B 16 11.19 -10.22 1.84
N ALA B 17 12.44 -9.85 2.13
CA ALA B 17 13.43 -10.86 2.54
C ALA B 17 13.03 -11.52 3.85
N ARG B 18 12.42 -10.76 4.76
CA ARG B 18 12.02 -11.32 6.04
C ARG B 18 10.98 -12.42 5.87
N TYR B 19 9.96 -12.17 5.02
CA TYR B 19 8.92 -13.18 4.85
C TYR B 19 9.28 -14.25 3.84
N ALA B 20 10.23 -14.00 2.94
CA ALA B 20 10.69 -15.06 2.07
C ALA B 20 11.53 -16.07 2.81
N ARG B 21 11.95 -15.75 4.02
CA ARG B 21 12.79 -16.59 4.85
C ARG B 21 11.95 -17.68 5.51
ZN ZN C . -11.39 -2.71 11.37
ZN ZN D . -8.14 15.27 -1.44
#